data_3UAT
#
_entry.id   3UAT
#
_cell.length_a   47.566
_cell.length_b   66.155
_cell.length_c   55.155
_cell.angle_alpha   90.00
_cell.angle_beta   102.44
_cell.angle_gamma   90.00
#
_symmetry.space_group_name_H-M   'P 1 21 1'
#
loop_
_entity.id
_entity.type
_entity.pdbx_description
1 polymer 'Disks large homolog 1'
2 polymer 'phosphor-LGN peptide'
3 water water
#
loop_
_entity_poly.entity_id
_entity_poly.type
_entity_poly.pdbx_seq_one_letter_code
_entity_poly.pdbx_strand_id
1 'polypeptide(L)'
;GPGSEFSQKRSLYVRALFDYDKTKDSGLPSQGLNFKFGDILHVINASDDEWWQARQVTPDGESDEVGVIPSKRRVEKKER
ARLKTVKFNSKVLSYEPVNQQEVNYTRPVIILGPMKDRVNDDLISEFPDKFGSCVPHTTRPKRDYEVDGRDYHFVTSREQ
MEKDIQEHKFIEAGQYNNHLYGTSVQSVRAVAEKGKHCILDVSGNAIKRLQIAQLYPISIFIKPKSMENIMEMNKRLTDE
QARKTFERAVRLEQEFTEHFTAIVQGDTLEDIYNQVKQIIEEQSGPYIWVPAKEKL
;
A
2 'polypeptide(L)' GRRH(SEP)MENLELMKLTPEK B
#
# COMPACT_ATOMS: atom_id res chain seq x y z
N SER A 11 22.20 -2.73 -13.93
CA SER A 11 21.42 -3.87 -14.35
C SER A 11 19.92 -3.61 -14.22
N LEU A 12 19.10 -4.53 -14.72
CA LEU A 12 17.66 -4.37 -14.68
C LEU A 12 17.05 -5.09 -13.47
N TYR A 13 16.40 -4.31 -12.60
CA TYR A 13 15.66 -4.87 -11.48
C TYR A 13 14.18 -4.53 -11.63
N VAL A 14 13.32 -5.50 -11.37
CA VAL A 14 11.89 -5.33 -11.62
C VAL A 14 11.03 -5.80 -10.45
N ARG A 15 9.98 -5.04 -10.16
CA ARG A 15 8.96 -5.49 -9.23
C ARG A 15 7.86 -6.19 -10.04
N ALA A 16 7.47 -7.39 -9.60
CA ALA A 16 6.43 -8.13 -10.30
C ALA A 16 5.05 -7.62 -9.90
N LEU A 17 4.25 -7.24 -10.89
CA LEU A 17 2.93 -6.71 -10.64
C LEU A 17 1.82 -7.77 -10.72
N PHE A 18 2.21 -9.02 -10.91
CA PHE A 18 1.24 -10.10 -10.98
C PHE A 18 1.83 -11.41 -10.46
N ASP A 19 1.00 -12.45 -10.45
CA ASP A 19 1.42 -13.77 -10.00
C ASP A 19 1.77 -14.63 -11.19
N TYR A 20 2.81 -15.45 -11.05
CA TYR A 20 3.23 -16.34 -12.11
C TYR A 20 3.36 -17.76 -11.61
N ASP A 21 2.69 -18.69 -12.27
CA ASP A 21 2.80 -20.10 -11.92
C ASP A 21 3.35 -20.88 -13.11
N LYS A 22 4.47 -21.55 -12.89
CA LYS A 22 5.09 -22.37 -13.93
C LYS A 22 4.11 -23.41 -14.45
N THR A 23 3.54 -24.17 -13.52
CA THR A 23 2.62 -25.25 -13.86
C THR A 23 1.49 -24.81 -14.78
N LYS A 24 1.06 -23.56 -14.62
CA LYS A 24 -0.05 -23.02 -15.40
C LYS A 24 0.33 -22.60 -16.82
N ASP A 25 1.61 -22.31 -17.04
CA ASP A 25 2.08 -21.83 -18.34
C ASP A 25 2.69 -22.92 -19.20
N SER A 26 2.22 -23.02 -20.45
CA SER A 26 2.78 -23.96 -21.40
C SER A 26 3.56 -23.22 -22.48
N GLY A 27 4.61 -23.86 -22.99
CA GLY A 27 5.46 -23.24 -24.01
C GLY A 27 6.75 -22.66 -23.47
N LEU A 28 7.13 -23.03 -22.25
CA LEU A 28 8.37 -22.56 -21.65
C LEU A 28 9.62 -23.18 -22.26
N PRO A 29 10.58 -22.34 -22.68
CA PRO A 29 11.86 -22.77 -23.24
C PRO A 29 12.78 -23.45 -22.22
N SER A 30 12.75 -22.98 -20.98
CA SER A 30 13.58 -23.56 -19.92
C SER A 30 12.75 -23.68 -18.65
N GLN A 31 13.36 -24.22 -17.59
CA GLN A 31 12.67 -24.29 -16.31
C GLN A 31 12.36 -22.87 -15.89
N GLY A 32 11.09 -22.62 -15.61
CA GLY A 32 10.64 -21.27 -15.29
C GLY A 32 10.95 -20.88 -13.86
N LEU A 33 10.79 -19.60 -13.56
CA LEU A 33 10.86 -19.13 -12.20
C LEU A 33 9.52 -18.50 -11.85
N ASN A 34 8.76 -19.16 -10.97
CA ASN A 34 7.46 -18.64 -10.60
C ASN A 34 7.54 -17.77 -9.36
N PHE A 35 6.81 -16.67 -9.39
CA PHE A 35 6.90 -15.65 -8.35
C PHE A 35 5.52 -15.17 -7.92
N LYS A 36 5.52 -14.21 -6.99
CA LYS A 36 4.27 -13.63 -6.48
C LYS A 36 4.30 -12.13 -6.68
N PHE A 37 3.13 -11.49 -6.61
CA PHE A 37 3.07 -10.04 -6.71
C PHE A 37 3.95 -9.39 -5.63
N GLY A 38 4.62 -8.30 -6.01
CA GLY A 38 5.45 -7.56 -5.07
C GLY A 38 6.89 -8.03 -5.07
N ASP A 39 7.13 -9.25 -5.55
CA ASP A 39 8.47 -9.80 -5.60
C ASP A 39 9.40 -8.94 -6.47
N ILE A 40 10.66 -8.86 -6.05
CA ILE A 40 11.68 -8.14 -6.81
C ILE A 40 12.52 -9.18 -7.56
N LEU A 41 12.69 -8.95 -8.86
CA LEU A 41 13.41 -9.90 -9.70
C LEU A 41 14.57 -9.21 -10.39
N HIS A 42 15.71 -9.88 -10.40
CA HIS A 42 16.89 -9.39 -11.12
C HIS A 42 16.93 -10.05 -12.49
N VAL A 43 16.86 -9.25 -13.55
CA VAL A 43 16.80 -9.79 -14.90
C VAL A 43 18.20 -9.92 -15.47
N ILE A 44 18.66 -11.15 -15.64
CA ILE A 44 20.02 -11.41 -16.09
C ILE A 44 20.20 -11.10 -17.57
N ASN A 45 19.34 -11.69 -18.39
CA ASN A 45 19.36 -11.39 -19.81
C ASN A 45 17.96 -11.13 -20.32
N ALA A 46 17.72 -9.92 -20.79
CA ALA A 46 16.54 -9.68 -21.61
C ALA A 46 17.07 -9.54 -23.03
N SER A 47 16.82 -10.59 -23.81
CA SER A 47 17.29 -10.65 -25.19
C SER A 47 16.10 -11.07 -26.04
N ASP A 48 15.64 -12.29 -25.79
CA ASP A 48 14.48 -12.83 -26.46
C ASP A 48 13.29 -11.89 -26.28
N ASP A 49 12.48 -11.77 -27.33
CA ASP A 49 11.34 -10.87 -27.32
C ASP A 49 10.15 -11.55 -26.67
N GLU A 50 10.37 -12.77 -26.20
CA GLU A 50 9.30 -13.56 -25.58
C GLU A 50 9.57 -13.84 -24.10
N TRP A 51 10.64 -14.55 -23.80
CA TRP A 51 10.95 -14.95 -22.42
C TRP A 51 12.22 -14.29 -21.86
N TRP A 52 12.24 -14.09 -20.55
CA TRP A 52 13.38 -13.48 -19.86
C TRP A 52 14.03 -14.41 -18.85
N GLN A 53 15.31 -14.19 -18.58
CA GLN A 53 16.04 -14.95 -17.57
C GLN A 53 16.30 -14.09 -16.34
N ALA A 54 15.77 -14.51 -15.19
CA ALA A 54 15.84 -13.70 -13.98
C ALA A 54 16.12 -14.50 -12.71
N ARG A 55 16.48 -13.79 -11.65
CA ARG A 55 16.65 -14.39 -10.34
C ARG A 55 15.82 -13.62 -9.31
N GLN A 56 15.35 -14.31 -8.28
CA GLN A 56 14.59 -13.67 -7.21
C GLN A 56 15.51 -12.85 -6.30
N VAL A 57 15.06 -11.67 -5.90
CA VAL A 57 15.80 -10.87 -4.93
C VAL A 57 15.06 -10.86 -3.59
N THR A 58 15.64 -11.55 -2.62
CA THR A 58 15.07 -11.65 -1.29
C THR A 58 15.57 -10.51 -0.40
N PRO A 59 14.82 -10.18 0.65
CA PRO A 59 15.28 -9.17 1.60
C PRO A 59 16.59 -9.59 2.27
N ASP A 60 16.83 -10.90 2.32
CA ASP A 60 18.04 -11.42 2.94
C ASP A 60 19.18 -11.55 1.93
N GLY A 61 19.07 -12.54 1.06
CA GLY A 61 20.07 -12.75 0.03
C GLY A 61 19.58 -12.40 -1.37
N GLU A 62 20.22 -13.01 -2.36
CA GLU A 62 19.70 -13.06 -3.71
C GLU A 62 19.81 -14.50 -4.14
N SER A 63 18.68 -15.12 -4.48
CA SER A 63 18.64 -16.55 -4.72
C SER A 63 19.70 -16.96 -5.73
N ASP A 64 20.39 -18.06 -5.44
CA ASP A 64 21.29 -18.62 -6.45
C ASP A 64 20.43 -19.61 -7.18
N GLU A 65 20.06 -19.24 -8.40
CA GLU A 65 19.09 -19.98 -9.19
C GLU A 65 18.83 -19.17 -10.44
N VAL A 66 18.16 -19.79 -11.41
CA VAL A 66 17.75 -19.06 -12.60
C VAL A 66 16.47 -19.67 -13.17
N GLY A 67 15.63 -18.83 -13.74
CA GLY A 67 14.37 -19.28 -14.30
C GLY A 67 13.89 -18.38 -15.42
N VAL A 68 12.89 -18.86 -16.16
CA VAL A 68 12.34 -18.09 -17.25
C VAL A 68 11.07 -17.37 -16.85
N ILE A 69 11.02 -16.06 -17.09
CA ILE A 69 9.81 -15.29 -16.89
C ILE A 69 9.38 -14.68 -18.22
N PRO A 70 8.07 -14.55 -18.43
CA PRO A 70 7.59 -13.94 -19.67
C PRO A 70 8.06 -12.48 -19.78
N SER A 71 8.31 -12.02 -21.00
CA SER A 71 8.71 -10.64 -21.21
C SER A 71 7.56 -9.70 -20.90
N LYS A 72 7.86 -8.43 -20.65
CA LYS A 72 6.81 -7.44 -20.49
C LYS A 72 5.87 -7.53 -21.69
N ARG A 73 6.44 -7.60 -22.88
CA ARG A 73 5.67 -7.68 -24.12
C ARG A 73 4.72 -8.88 -24.14
N ARG A 74 5.22 -10.05 -23.76
CA ARG A 74 4.41 -11.26 -23.78
C ARG A 74 3.26 -11.18 -22.78
N VAL A 75 3.60 -10.79 -21.55
CA VAL A 75 2.61 -10.69 -20.47
C VAL A 75 1.43 -9.82 -20.85
N GLU A 76 1.70 -8.74 -21.58
CA GLU A 76 0.67 -7.75 -21.89
C GLU A 76 -0.28 -8.18 -23.02
N LYS A 77 0.25 -8.80 -24.06
CA LYS A 77 -0.58 -9.31 -25.13
C LYS A 77 -1.61 -10.30 -24.59
N LYS A 78 -1.16 -11.15 -23.66
CA LYS A 78 -2.03 -12.14 -23.05
C LYS A 78 -3.14 -11.49 -22.23
N GLU A 79 -2.76 -10.48 -21.45
CA GLU A 79 -3.71 -9.74 -20.63
C GLU A 79 -4.67 -8.90 -21.48
N ARG A 80 -4.14 -8.29 -22.53
CA ARG A 80 -4.95 -7.44 -23.40
C ARG A 80 -5.90 -8.25 -24.30
N ALA A 81 -5.57 -9.52 -24.52
CA ALA A 81 -6.33 -10.38 -25.42
C ALA A 81 -7.75 -10.68 -24.92
N ARG A 82 -7.96 -10.52 -23.62
CA ARG A 82 -9.21 -10.91 -22.98
C ARG A 82 -10.32 -9.86 -23.15
N LEU A 83 -10.08 -8.68 -22.57
CA LEU A 83 -11.09 -7.63 -22.50
C LEU A 83 -11.61 -7.17 -23.86
N LYS A 84 -12.87 -6.75 -23.91
CA LYS A 84 -13.48 -6.28 -25.14
C LYS A 84 -12.91 -4.93 -25.56
N VAL A 92 -2.50 -2.35 -18.12
CA VAL A 92 -1.87 -3.67 -18.15
C VAL A 92 -0.69 -3.77 -17.17
N LEU A 93 -0.74 -4.76 -16.28
CA LEU A 93 0.28 -4.90 -15.23
C LEU A 93 1.22 -6.08 -15.46
N SER A 94 2.47 -5.78 -15.76
CA SER A 94 3.48 -6.82 -15.93
C SER A 94 4.67 -6.66 -14.98
N TYR A 95 5.54 -5.70 -15.28
CA TYR A 95 6.74 -5.50 -14.49
C TYR A 95 7.01 -4.02 -14.28
N GLU A 96 7.28 -3.65 -13.03
CA GLU A 96 7.65 -2.29 -12.70
C GLU A 96 9.15 -2.21 -12.42
N PRO A 97 9.88 -1.54 -13.32
CA PRO A 97 11.33 -1.34 -13.15
C PRO A 97 11.59 -0.64 -11.83
N VAL A 98 12.55 -1.11 -11.06
CA VAL A 98 12.82 -0.53 -9.76
C VAL A 98 14.31 -0.23 -9.55
N ASN A 99 14.57 0.78 -8.71
CA ASN A 99 15.92 1.12 -8.30
C ASN A 99 16.02 1.06 -6.79
N GLN A 100 17.20 0.75 -6.29
CA GLN A 100 17.42 0.77 -4.85
C GLN A 100 17.71 2.21 -4.40
N GLN A 101 16.97 2.67 -3.41
CA GLN A 101 17.09 4.05 -2.96
C GLN A 101 17.29 4.14 -1.44
N GLU A 102 18.14 5.07 -1.03
CA GLU A 102 18.41 5.28 0.38
C GLU A 102 17.41 6.27 0.99
N VAL A 103 16.96 5.99 2.20
CA VAL A 103 16.02 6.87 2.88
C VAL A 103 16.48 7.27 4.28
N ASN A 104 16.28 8.53 4.62
CA ASN A 104 16.61 9.04 5.95
C ASN A 104 15.42 9.01 6.91
N TYR A 105 14.29 8.47 6.45
CA TYR A 105 13.07 8.45 7.24
C TYR A 105 12.50 7.05 7.44
N THR A 106 11.63 6.90 8.43
CA THR A 106 10.89 5.65 8.64
C THR A 106 9.61 5.67 7.80
N ARG A 107 9.50 4.70 6.89
CA ARG A 107 8.40 4.67 5.93
C ARG A 107 7.03 4.59 6.57
N PRO A 108 6.08 5.41 6.07
CA PRO A 108 4.68 5.32 6.49
C PRO A 108 4.12 3.95 6.16
N VAL A 109 3.06 3.55 6.85
CA VAL A 109 2.44 2.27 6.58
C VAL A 109 0.98 2.45 6.23
N ILE A 110 0.57 1.91 5.09
CA ILE A 110 -0.85 1.91 4.71
C ILE A 110 -1.34 0.48 4.52
N ILE A 111 -2.23 0.05 5.41
CA ILE A 111 -2.89 -1.24 5.28
C ILE A 111 -4.25 -1.00 4.68
N LEU A 112 -4.65 -1.85 3.74
CA LEU A 112 -5.93 -1.70 3.04
C LEU A 112 -6.62 -3.05 2.92
N GLY A 113 -7.94 -3.01 2.78
CA GLY A 113 -8.73 -4.23 2.67
C GLY A 113 -9.41 -4.59 3.99
N PRO A 114 -10.16 -5.69 4.00
CA PRO A 114 -10.84 -6.16 5.21
C PRO A 114 -9.87 -6.32 6.39
N MET A 115 -10.33 -6.00 7.59
CA MET A 115 -9.55 -6.22 8.81
C MET A 115 -8.45 -5.18 9.02
N LYS A 116 -8.28 -4.28 8.06
CA LYS A 116 -7.18 -3.33 8.12
C LYS A 116 -7.18 -2.52 9.42
N ASP A 117 -8.37 -2.14 9.87
CA ASP A 117 -8.52 -1.35 11.08
C ASP A 117 -8.03 -2.11 12.31
N ARG A 118 -8.36 -3.40 12.39
CA ARG A 118 -7.86 -4.24 13.47
C ARG A 118 -6.34 -4.31 13.39
N VAL A 119 -5.83 -4.54 12.18
CA VAL A 119 -4.39 -4.63 11.96
C VAL A 119 -3.69 -3.32 12.33
N ASN A 120 -4.35 -2.19 12.04
CA ASN A 120 -3.82 -0.89 12.43
C ASN A 120 -3.75 -0.73 13.96
N ASP A 121 -4.82 -1.12 14.63
CA ASP A 121 -4.90 -1.02 16.08
C ASP A 121 -3.86 -1.89 16.78
N ASP A 122 -3.61 -3.06 16.22
CA ASP A 122 -2.67 -4.01 16.81
C ASP A 122 -1.23 -3.55 16.72
N LEU A 123 -0.87 -2.97 15.59
CA LEU A 123 0.50 -2.47 15.39
C LEU A 123 0.82 -1.35 16.38
N ILE A 124 -0.08 -0.38 16.48
CA ILE A 124 0.08 0.74 17.41
C ILE A 124 0.08 0.29 18.87
N SER A 125 -0.84 -0.61 19.22
CA SER A 125 -0.91 -1.14 20.58
C SER A 125 0.32 -1.97 20.92
N GLU A 126 0.60 -2.97 20.09
CA GLU A 126 1.64 -3.94 20.37
C GLU A 126 3.06 -3.35 20.27
N PHE A 127 3.25 -2.40 19.35
CA PHE A 127 4.56 -1.77 19.18
C PHE A 127 4.45 -0.25 19.15
N PRO A 128 4.26 0.37 20.33
CA PRO A 128 4.08 1.83 20.45
C PRO A 128 5.34 2.58 20.07
N ASP A 129 6.50 1.92 20.19
CA ASP A 129 7.77 2.57 19.88
CA ASP A 129 7.78 2.53 19.89
C ASP A 129 8.03 2.65 18.38
N LYS A 130 7.58 1.65 17.62
CA LYS A 130 7.82 1.64 16.19
C LYS A 130 6.67 2.20 15.34
N PHE A 131 5.57 2.57 15.98
CA PHE A 131 4.38 3.02 15.25
C PHE A 131 3.68 4.21 15.89
N GLY A 132 2.96 4.98 15.07
CA GLY A 132 2.26 6.16 15.54
C GLY A 132 1.33 6.79 14.52
N SER A 133 0.63 7.84 14.95
CA SER A 133 -0.34 8.51 14.10
C SER A 133 0.01 9.99 13.92
N CYS A 134 -0.16 10.49 12.70
CA CYS A 134 0.05 11.92 12.44
C CYS A 134 -1.09 12.77 12.97
N VAL A 135 -0.82 14.05 13.16
CA VAL A 135 -1.86 15.01 13.55
C VAL A 135 -2.53 15.58 12.31
N PRO A 136 -3.81 15.26 12.12
CA PRO A 136 -4.60 15.75 10.98
C PRO A 136 -5.01 17.22 11.14
N HIS A 137 -5.38 17.84 10.02
CA HIS A 137 -5.90 19.20 9.99
C HIS A 137 -7.41 19.21 9.95
N THR A 138 -8.03 20.16 10.64
CA THR A 138 -9.47 20.36 10.52
C THR A 138 -9.85 21.83 10.59
N THR A 139 -10.93 22.18 9.90
CA THR A 139 -11.50 23.52 9.98
C THR A 139 -12.55 23.61 11.08
N ARG A 140 -12.86 22.48 11.71
CA ARG A 140 -13.76 22.48 12.85
C ARG A 140 -13.17 23.37 13.92
N PRO A 141 -13.98 24.29 14.47
CA PRO A 141 -13.50 25.20 15.52
C PRO A 141 -13.00 24.42 16.73
N LYS A 142 -11.83 24.80 17.25
CA LYS A 142 -11.23 24.10 18.38
C LYS A 142 -12.08 24.21 19.63
N ARG A 143 -12.37 23.07 20.24
CA ARG A 143 -13.08 23.04 21.50
C ARG A 143 -12.14 23.50 22.61
N ASP A 144 -12.70 24.09 23.66
CA ASP A 144 -11.90 24.67 24.73
C ASP A 144 -10.84 23.71 25.30
N TYR A 145 -11.18 22.42 25.35
CA TYR A 145 -10.31 21.43 25.97
C TYR A 145 -9.29 20.83 25.00
N GLU A 146 -9.40 21.15 23.72
CA GLU A 146 -8.47 20.64 22.73
C GLU A 146 -7.24 21.54 22.62
N VAL A 147 -6.08 20.93 22.43
CA VAL A 147 -4.85 21.69 22.25
C VAL A 147 -4.40 21.60 20.80
N ASP A 148 -4.30 22.74 20.13
CA ASP A 148 -3.82 22.78 18.76
C ASP A 148 -2.42 22.20 18.67
N GLY A 149 -2.24 21.26 17.76
CA GLY A 149 -0.96 20.58 17.60
C GLY A 149 -0.99 19.20 18.23
N ARG A 150 -1.93 18.97 19.14
CA ARG A 150 -2.06 17.67 19.77
C ARG A 150 -3.16 16.86 19.10
N ASP A 151 -4.39 17.34 19.23
CA ASP A 151 -5.55 16.67 18.65
C ASP A 151 -5.57 16.88 17.15
N TYR A 152 -5.73 18.13 16.74
CA TYR A 152 -5.67 18.50 15.34
C TYR A 152 -4.78 19.72 15.18
N HIS A 153 -4.40 20.01 13.94
CA HIS A 153 -3.93 21.33 13.61
C HIS A 153 -5.20 22.03 13.18
N PHE A 154 -5.61 23.03 13.97
CA PHE A 154 -6.91 23.63 13.77
C PHE A 154 -6.81 24.83 12.83
N VAL A 155 -7.39 24.67 11.65
CA VAL A 155 -7.36 25.70 10.63
C VAL A 155 -8.52 26.65 10.87
N THR A 156 -8.21 27.94 10.94
CA THR A 156 -9.21 28.95 11.25
C THR A 156 -9.84 29.57 9.99
N SER A 157 -9.38 29.14 8.83
CA SER A 157 -9.90 29.65 7.57
C SER A 157 -10.22 28.54 6.57
N ARG A 158 -11.49 28.41 6.19
CA ARG A 158 -11.86 27.45 5.17
C ARG A 158 -11.18 27.81 3.85
N GLU A 159 -11.05 29.12 3.59
CA GLU A 159 -10.39 29.59 2.39
C GLU A 159 -8.95 29.08 2.35
N GLN A 160 -8.27 29.22 3.48
CA GLN A 160 -6.89 28.75 3.58
C GLN A 160 -6.83 27.24 3.42
N MET A 161 -7.67 26.54 4.19
CA MET A 161 -7.74 25.08 4.10
C MET A 161 -7.91 24.62 2.65
N GLU A 162 -8.79 25.29 1.92
CA GLU A 162 -9.06 24.94 0.53
C GLU A 162 -7.85 25.19 -0.37
N LYS A 163 -7.23 26.35 -0.19
CA LYS A 163 -6.02 26.65 -0.96
C LYS A 163 -4.96 25.60 -0.69
N ASP A 164 -4.87 25.13 0.56
CA ASP A 164 -3.93 24.09 0.92
C ASP A 164 -4.22 22.79 0.14
N ILE A 165 -5.50 22.45 0.02
CA ILE A 165 -5.92 21.26 -0.70
C ILE A 165 -5.53 21.33 -2.17
N GLN A 166 -5.88 22.43 -2.82
CA GLN A 166 -5.56 22.62 -4.23
C GLN A 166 -4.06 22.62 -4.48
N GLU A 167 -3.30 23.02 -3.45
CA GLU A 167 -1.85 23.09 -3.56
C GLU A 167 -1.18 21.77 -3.18
N HIS A 168 -2.01 20.76 -2.92
CA HIS A 168 -1.52 19.41 -2.65
C HIS A 168 -0.74 19.33 -1.35
N LYS A 169 -1.18 20.10 -0.36
CA LYS A 169 -0.58 20.04 0.95
C LYS A 169 -1.04 18.76 1.64
N PHE A 170 -2.23 18.29 1.26
CA PHE A 170 -2.81 17.09 1.87
C PHE A 170 -2.77 15.89 0.93
N ILE A 171 -2.41 14.73 1.47
CA ILE A 171 -2.47 13.48 0.71
C ILE A 171 -3.91 12.98 0.68
N GLU A 172 -4.71 13.41 1.64
CA GLU A 172 -6.13 13.11 1.65
C GLU A 172 -6.94 14.18 2.39
N ALA A 173 -8.16 14.42 1.94
CA ALA A 173 -9.03 15.38 2.59
C ALA A 173 -10.50 14.98 2.43
N GLY A 174 -11.32 15.35 3.40
CA GLY A 174 -12.72 14.97 3.40
C GLY A 174 -13.60 15.89 4.22
N GLN A 175 -14.87 15.54 4.37
CA GLN A 175 -15.82 16.38 5.10
C GLN A 175 -16.56 15.61 6.18
N TYR A 176 -16.68 16.24 7.35
CA TYR A 176 -17.49 15.71 8.44
C TYR A 176 -18.29 16.86 9.06
N ASN A 177 -19.60 16.72 9.07
CA ASN A 177 -20.48 17.76 9.59
C ASN A 177 -20.14 19.14 9.02
N ASN A 178 -19.92 19.18 7.70
CA ASN A 178 -19.57 20.42 7.01
C ASN A 178 -18.27 21.03 7.52
N HIS A 179 -17.42 20.19 8.11
CA HIS A 179 -16.09 20.62 8.48
C HIS A 179 -15.07 19.96 7.57
N LEU A 180 -14.04 20.70 7.20
CA LEU A 180 -12.99 20.15 6.36
C LEU A 180 -11.96 19.44 7.21
N TYR A 181 -11.53 18.27 6.76
CA TYR A 181 -10.45 17.53 7.39
C TYR A 181 -9.46 17.18 6.31
N GLY A 182 -8.18 17.11 6.67
CA GLY A 182 -7.15 16.70 5.75
C GLY A 182 -5.95 16.09 6.46
N THR A 183 -5.20 15.26 5.74
CA THR A 183 -4.02 14.63 6.30
C THR A 183 -2.79 15.20 5.59
N SER A 184 -2.00 15.96 6.34
CA SER A 184 -0.91 16.74 5.78
C SER A 184 0.31 15.86 5.47
N VAL A 185 1.07 16.27 4.46
CA VAL A 185 2.31 15.60 4.13
C VAL A 185 3.32 15.88 5.23
N GLN A 186 3.43 17.17 5.60
CA GLN A 186 4.35 17.59 6.64
C GLN A 186 4.06 16.84 7.93
N SER A 187 2.78 16.66 8.22
CA SER A 187 2.35 15.97 9.42
C SER A 187 2.80 14.51 9.41
N VAL A 188 2.77 13.89 8.23
CA VAL A 188 3.20 12.49 8.11
C VAL A 188 4.71 12.41 8.17
N ARG A 189 5.37 13.35 7.51
CA ARG A 189 6.81 13.42 7.51
C ARG A 189 7.34 13.70 8.92
N ALA A 190 6.49 14.22 9.79
CA ALA A 190 6.90 14.54 11.15
C ALA A 190 7.08 13.29 12.00
N VAL A 191 6.20 12.32 11.84
CA VAL A 191 6.35 11.05 12.54
C VAL A 191 7.45 10.20 11.89
N ALA A 192 7.52 10.27 10.56
CA ALA A 192 8.53 9.55 9.80
C ALA A 192 9.96 9.88 10.22
N GLU A 193 10.19 11.15 10.55
CA GLU A 193 11.52 11.61 10.96
C GLU A 193 11.76 11.40 12.44
N LYS A 194 10.71 11.07 13.18
CA LYS A 194 10.84 10.82 14.61
C LYS A 194 11.13 9.34 14.86
N GLY A 195 11.26 8.58 13.77
CA GLY A 195 11.66 7.19 13.87
C GLY A 195 10.53 6.18 13.93
N LYS A 196 9.31 6.62 13.69
CA LYS A 196 8.17 5.71 13.73
C LYS A 196 7.53 5.53 12.36
N HIS A 197 6.95 4.36 12.12
CA HIS A 197 6.12 4.16 10.94
C HIS A 197 4.80 4.85 11.20
N CYS A 198 4.43 5.79 10.34
CA CYS A 198 3.15 6.47 10.50
C CYS A 198 2.06 5.57 9.95
N ILE A 199 1.13 5.18 10.80
CA ILE A 199 0.02 4.34 10.37
C ILE A 199 -1.08 5.23 9.83
N LEU A 200 -1.39 5.06 8.55
CA LEU A 200 -2.35 5.92 7.89
C LEU A 200 -3.64 5.18 7.56
N ASP A 201 -4.77 5.74 7.97
CA ASP A 201 -6.03 5.21 7.50
C ASP A 201 -6.49 6.15 6.40
N VAL A 202 -6.36 5.67 5.16
CA VAL A 202 -6.55 6.49 3.98
C VAL A 202 -6.86 5.56 2.83
N SER A 203 -7.12 6.12 1.65
CA SER A 203 -7.47 5.31 0.49
C SER A 203 -6.23 5.07 -0.38
N GLY A 204 -6.42 4.33 -1.46
CA GLY A 204 -5.31 3.99 -2.35
C GLY A 204 -4.72 5.21 -3.03
N ASN A 205 -5.50 6.28 -3.10
CA ASN A 205 -5.08 7.51 -3.74
C ASN A 205 -3.94 8.23 -3.00
N ALA A 206 -3.94 8.10 -1.68
CA ALA A 206 -2.88 8.70 -0.87
C ALA A 206 -1.51 8.08 -1.18
N ILE A 207 -1.50 6.86 -1.69
CA ILE A 207 -0.25 6.16 -1.93
C ILE A 207 0.66 6.93 -2.89
N LYS A 208 0.14 7.26 -4.06
CA LYS A 208 0.90 7.98 -5.08
C LYS A 208 1.36 9.34 -4.58
N ARG A 209 0.47 10.05 -3.88
CA ARG A 209 0.79 11.37 -3.36
C ARG A 209 2.01 11.31 -2.42
N LEU A 210 2.05 10.31 -1.56
CA LEU A 210 3.18 10.10 -0.67
C LEU A 210 4.45 9.81 -1.48
N GLN A 211 4.33 8.98 -2.51
CA GLN A 211 5.46 8.68 -3.38
C GLN A 211 5.93 9.95 -4.09
N ILE A 212 4.99 10.71 -4.63
CA ILE A 212 5.28 12.01 -5.25
C ILE A 212 6.01 12.91 -4.26
N ALA A 213 5.72 12.70 -2.98
CA ALA A 213 6.27 13.54 -1.90
C ALA A 213 7.61 13.01 -1.41
N GLN A 214 8.11 11.97 -2.05
CA GLN A 214 9.38 11.35 -1.67
C GLN A 214 9.31 10.76 -0.27
N LEU A 215 8.11 10.41 0.16
CA LEU A 215 7.92 9.55 1.31
C LEU A 215 7.26 8.29 0.82
N TYR A 216 8.01 7.20 0.78
CA TYR A 216 7.51 5.99 0.17
C TYR A 216 6.86 5.11 1.23
N PRO A 217 5.53 4.99 1.16
CA PRO A 217 4.78 4.21 2.14
C PRO A 217 4.96 2.73 1.89
N ILE A 218 4.82 1.93 2.94
CA ILE A 218 4.72 0.50 2.76
C ILE A 218 3.24 0.22 2.67
N SER A 219 2.80 -0.18 1.49
CA SER A 219 1.38 -0.33 1.23
C SER A 219 1.04 -1.81 1.12
N ILE A 220 0.23 -2.29 2.06
CA ILE A 220 -0.14 -3.69 2.10
C ILE A 220 -1.65 -3.88 1.94
N PHE A 221 -2.04 -4.67 0.96
CA PHE A 221 -3.45 -4.99 0.74
C PHE A 221 -3.81 -6.37 1.25
N ILE A 222 -4.87 -6.43 2.05
CA ILE A 222 -5.37 -7.70 2.55
C ILE A 222 -6.44 -8.19 1.59
N LYS A 223 -6.12 -9.28 0.88
CA LYS A 223 -7.01 -9.81 -0.13
C LYS A 223 -7.79 -10.98 0.44
N PRO A 224 -9.11 -10.82 0.55
CA PRO A 224 -9.99 -11.91 0.99
C PRO A 224 -10.03 -13.04 -0.04
N LYS A 225 -9.92 -14.28 0.42
CA LYS A 225 -9.98 -15.44 -0.47
C LYS A 225 -11.40 -15.65 -0.97
N SER A 226 -12.37 -15.25 -0.15
CA SER A 226 -13.78 -15.43 -0.47
C SER A 226 -14.63 -14.63 0.51
N MET A 227 -15.95 -14.73 0.37
CA MET A 227 -16.84 -14.13 1.36
C MET A 227 -16.79 -14.96 2.63
N GLU A 228 -16.63 -16.27 2.46
CA GLU A 228 -16.47 -17.18 3.59
C GLU A 228 -15.24 -16.81 4.40
N ASN A 229 -14.14 -16.55 3.71
CA ASN A 229 -12.89 -16.14 4.34
C ASN A 229 -13.12 -14.93 5.25
N ILE A 230 -13.86 -13.97 4.73
CA ILE A 230 -14.22 -12.77 5.49
C ILE A 230 -15.05 -13.13 6.71
N MET A 231 -16.09 -13.92 6.49
CA MET A 231 -17.00 -14.30 7.57
C MET A 231 -16.31 -15.11 8.67
N GLU A 232 -15.28 -15.86 8.30
CA GLU A 232 -14.57 -16.69 9.26
C GLU A 232 -13.71 -15.85 10.19
N MET A 233 -13.05 -14.84 9.64
CA MET A 233 -12.20 -13.97 10.44
C MET A 233 -13.04 -13.01 11.29
N ASN A 234 -14.15 -12.58 10.73
CA ASN A 234 -15.13 -11.82 11.50
C ASN A 234 -16.46 -12.57 11.50
N LYS A 235 -16.81 -13.13 12.65
CA LYS A 235 -17.96 -14.02 12.74
C LYS A 235 -19.28 -13.26 12.93
N ARG A 236 -19.17 -11.98 13.24
CA ARG A 236 -20.35 -11.19 13.55
C ARG A 236 -20.93 -10.46 12.34
N LEU A 237 -20.30 -10.65 11.19
CA LEU A 237 -20.81 -10.06 9.94
C LEU A 237 -21.95 -10.90 9.38
N THR A 238 -22.96 -10.23 8.84
CA THR A 238 -24.05 -10.93 8.17
C THR A 238 -23.64 -11.25 6.73
N ASP A 239 -24.51 -11.93 6.00
CA ASP A 239 -24.23 -12.25 4.61
C ASP A 239 -24.11 -10.95 3.81
N GLU A 240 -25.03 -10.03 4.06
CA GLU A 240 -25.05 -8.74 3.37
C GLU A 240 -23.74 -7.99 3.55
N GLN A 241 -23.26 -7.93 4.79
CA GLN A 241 -22.01 -7.25 5.10
C GLN A 241 -20.81 -7.94 4.46
N ALA A 242 -20.74 -9.26 4.62
CA ALA A 242 -19.66 -10.04 4.04
C ALA A 242 -19.60 -9.83 2.53
N ARG A 243 -20.76 -9.91 1.89
CA ARG A 243 -20.87 -9.67 0.46
C ARG A 243 -20.32 -8.29 0.10
N LYS A 244 -20.81 -7.26 0.78
CA LYS A 244 -20.38 -5.89 0.53
C LYS A 244 -18.89 -5.71 0.76
N THR A 245 -18.40 -6.18 1.90
CA THR A 245 -16.98 -6.09 2.24
C THR A 245 -16.10 -6.71 1.17
N PHE A 246 -16.48 -7.90 0.70
CA PHE A 246 -15.72 -8.59 -0.33
C PHE A 246 -15.78 -7.86 -1.66
N GLU A 247 -16.92 -7.23 -1.94
CA GLU A 247 -17.11 -6.59 -3.24
C GLU A 247 -16.30 -5.29 -3.36
N ARG A 248 -16.17 -4.57 -2.26
CA ARG A 248 -15.38 -3.34 -2.27
C ARG A 248 -13.88 -3.65 -2.25
N ALA A 249 -13.52 -4.82 -1.76
CA ALA A 249 -12.12 -5.24 -1.78
C ALA A 249 -11.69 -5.59 -3.20
N VAL A 250 -12.64 -6.05 -4.00
CA VAL A 250 -12.39 -6.38 -5.39
C VAL A 250 -12.11 -5.15 -6.24
N ARG A 251 -12.92 -4.11 -6.07
CA ARG A 251 -12.71 -2.87 -6.81
C ARG A 251 -11.51 -2.11 -6.29
N LEU A 252 -11.24 -2.23 -4.99
CA LEU A 252 -10.06 -1.62 -4.40
C LEU A 252 -8.84 -2.20 -5.08
N GLU A 253 -8.83 -3.52 -5.23
CA GLU A 253 -7.72 -4.22 -5.88
C GLU A 253 -7.60 -3.87 -7.36
N GLN A 254 -8.74 -3.65 -8.01
CA GLN A 254 -8.71 -3.36 -9.43
C GLN A 254 -8.19 -1.94 -9.65
N GLU A 255 -8.57 -1.03 -8.76
CA GLU A 255 -8.16 0.37 -8.86
C GLU A 255 -6.66 0.59 -8.54
N PHE A 256 -6.25 0.14 -7.36
CA PHE A 256 -4.92 0.47 -6.83
C PHE A 256 -3.76 -0.55 -6.93
N THR A 257 -4.00 -1.69 -7.56
CA THR A 257 -3.01 -2.78 -7.51
C THR A 257 -1.57 -2.37 -7.82
N GLU A 258 -1.37 -1.58 -8.87
CA GLU A 258 -0.03 -1.16 -9.26
C GLU A 258 0.69 -0.42 -8.13
N HIS A 259 -0.08 0.15 -7.22
CA HIS A 259 0.47 0.98 -6.15
C HIS A 259 0.73 0.25 -4.83
N PHE A 260 0.46 -1.06 -4.81
CA PHE A 260 0.72 -1.86 -3.62
C PHE A 260 2.18 -2.35 -3.60
N THR A 261 2.82 -2.27 -2.44
CA THR A 261 4.12 -2.89 -2.26
C THR A 261 3.97 -4.40 -2.00
N ALA A 262 2.82 -4.79 -1.46
CA ALA A 262 2.54 -6.20 -1.19
C ALA A 262 1.05 -6.51 -1.12
N ILE A 263 0.72 -7.79 -1.28
CA ILE A 263 -0.64 -8.29 -1.13
C ILE A 263 -0.64 -9.54 -0.25
N VAL A 264 -1.47 -9.55 0.78
CA VAL A 264 -1.49 -10.68 1.71
C VAL A 264 -2.83 -11.38 1.80
N GLN A 265 -2.76 -12.71 1.89
CA GLN A 265 -3.94 -13.54 2.11
C GLN A 265 -3.68 -14.50 3.25
N GLY A 266 -4.73 -14.85 4.00
CA GLY A 266 -4.64 -15.81 5.08
C GLY A 266 -6.00 -16.37 5.41
N ASP A 267 -6.03 -17.50 6.11
CA ASP A 267 -7.30 -18.06 6.57
C ASP A 267 -7.72 -17.49 7.93
N THR A 268 -6.80 -16.81 8.59
CA THR A 268 -7.04 -16.24 9.91
C THR A 268 -6.42 -14.86 10.01
N LEU A 269 -6.96 -14.04 10.91
CA LEU A 269 -6.38 -12.72 11.14
C LEU A 269 -4.95 -12.86 11.64
N GLU A 270 -4.73 -13.80 12.55
CA GLU A 270 -3.41 -14.03 13.10
C GLU A 270 -2.41 -14.26 11.98
N ASP A 271 -2.82 -15.03 10.98
CA ASP A 271 -1.96 -15.36 9.86
C ASP A 271 -1.65 -14.11 9.05
N ILE A 272 -2.69 -13.31 8.78
CA ILE A 272 -2.52 -12.07 8.03
C ILE A 272 -1.57 -11.15 8.76
N TYR A 273 -1.86 -10.91 10.03
CA TYR A 273 -1.10 -10.00 10.87
C TYR A 273 0.39 -10.34 10.87
N ASN A 274 0.72 -11.60 11.09
CA ASN A 274 2.11 -12.03 11.10
C ASN A 274 2.83 -11.65 9.81
N GLN A 275 2.12 -11.78 8.70
CA GLN A 275 2.68 -11.47 7.39
C GLN A 275 2.97 -9.98 7.24
N VAL A 276 2.03 -9.14 7.67
CA VAL A 276 2.22 -7.71 7.60
C VAL A 276 3.40 -7.27 8.47
N LYS A 277 3.54 -7.88 9.65
CA LYS A 277 4.67 -7.57 10.53
C LYS A 277 6.00 -7.89 9.84
N GLN A 278 6.04 -8.99 9.10
CA GLN A 278 7.26 -9.42 8.44
C GLN A 278 7.58 -8.52 7.26
N ILE A 279 6.56 -8.25 6.44
CA ILE A 279 6.71 -7.38 5.28
C ILE A 279 7.19 -5.99 5.69
N ILE A 280 6.56 -5.42 6.72
CA ILE A 280 6.98 -4.13 7.23
C ILE A 280 8.45 -4.19 7.64
N GLU A 281 8.82 -5.25 8.34
CA GLU A 281 10.21 -5.46 8.74
C GLU A 281 11.09 -5.49 7.49
N GLU A 282 10.72 -6.35 6.54
CA GLU A 282 11.49 -6.51 5.31
C GLU A 282 11.56 -5.23 4.48
N GLN A 283 10.56 -4.37 4.61
CA GLN A 283 10.52 -3.12 3.87
C GLN A 283 11.04 -1.89 4.62
N SER A 284 11.47 -2.08 5.87
CA SER A 284 11.79 -0.96 6.75
C SER A 284 13.27 -0.53 6.78
N GLY A 285 14.10 -1.14 5.94
CA GLY A 285 15.52 -0.80 5.91
C GLY A 285 15.82 0.56 5.32
N PRO A 286 17.06 1.04 5.52
CA PRO A 286 17.51 2.35 5.00
C PRO A 286 17.61 2.35 3.48
N TYR A 287 17.65 1.17 2.88
CA TYR A 287 17.62 1.02 1.43
C TYR A 287 16.35 0.29 0.99
N ILE A 288 15.63 0.89 0.06
CA ILE A 288 14.36 0.33 -0.39
C ILE A 288 14.26 0.34 -1.91
N TRP A 289 13.41 -0.54 -2.44
CA TRP A 289 13.17 -0.55 -3.88
C TRP A 289 12.04 0.42 -4.22
N VAL A 290 12.34 1.33 -5.14
CA VAL A 290 11.37 2.32 -5.57
C VAL A 290 11.30 2.33 -7.08
N PRO A 291 10.17 2.80 -7.64
CA PRO A 291 10.02 2.93 -9.09
C PRO A 291 11.18 3.71 -9.69
N ALA A 292 11.63 3.29 -10.87
CA ALA A 292 12.72 3.98 -11.53
C ALA A 292 12.13 5.04 -12.45
N LYS A 293 12.34 6.30 -12.10
CA LYS A 293 11.75 7.42 -12.82
C LYS A 293 12.47 8.72 -12.49
N ARG B 2 -10.58 8.92 20.35
CA ARG B 2 -10.19 9.69 19.17
C ARG B 2 -9.26 8.89 18.26
N ARG B 3 -9.21 9.26 16.98
CA ARG B 3 -10.00 10.39 16.47
C ARG B 3 -11.23 9.91 15.73
N HIS B 4 -12.40 10.15 16.31
CA HIS B 4 -13.65 9.67 15.73
C HIS B 4 -13.96 10.30 14.38
N MET B 6 -12.22 11.49 12.08
CA MET B 6 -11.39 10.96 11.00
C MET B 6 -11.84 9.55 10.63
N GLU B 7 -12.30 8.79 11.61
CA GLU B 7 -12.78 7.43 11.37
C GLU B 7 -13.91 7.43 10.33
N ASN B 8 -14.75 8.45 10.39
CA ASN B 8 -15.83 8.62 9.41
C ASN B 8 -15.72 9.95 8.66
N LEU B 9 -15.39 9.88 7.38
CA LEU B 9 -15.26 11.08 6.56
C LEU B 9 -15.79 10.83 5.16
N GLU B 10 -16.38 11.86 4.56
CA GLU B 10 -16.71 11.78 3.15
C GLU B 10 -15.54 12.38 2.39
N LEU B 11 -14.78 11.52 1.72
CA LEU B 11 -13.57 11.95 1.06
C LEU B 11 -13.86 12.79 -0.17
N MET B 12 -12.95 13.70 -0.49
CA MET B 12 -13.08 14.52 -1.69
C MET B 12 -12.02 14.11 -2.70
N LYS B 13 -12.41 14.06 -3.96
CA LYS B 13 -11.47 13.85 -5.04
C LYS B 13 -10.50 15.02 -5.04
N LEU B 14 -9.26 14.76 -5.43
CA LEU B 14 -8.25 15.82 -5.48
C LEU B 14 -7.67 15.97 -6.89
N THR B 15 -7.06 17.11 -7.15
CA THR B 15 -6.48 17.39 -8.46
C THR B 15 -5.20 16.58 -8.67
N PRO B 16 -4.93 16.17 -9.92
CA PRO B 16 -3.72 15.42 -10.26
C PRO B 16 -2.48 16.15 -9.75
#